data_6MNC
#
_entry.id   6MNC
#
_cell.length_a   43.560
_cell.length_b   110.020
_cell.length_c   117.140
_cell.angle_alpha   90.000
_cell.angle_beta   90.000
_cell.angle_gamma   90.000
#
_symmetry.space_group_name_H-M   'P 21 21 21'
#
loop_
_entity.id
_entity.type
_entity.pdbx_description
1 polymer 'Estradiol 17-beta-dehydrogenase 1'
2 non-polymer DI(HYDROXYETHYL)ETHER
3 non-polymer (9beta,13alpha)-3-hydroxyestra-1,3,5(10)-trien-17-one
4 water water
#
_entity_poly.entity_id   1
_entity_poly.type   'polypeptide(L)'
_entity_poly.pdbx_seq_one_letter_code
;MARTVVLITGCSSGIGLHLAVRLASDPSQSFKVYATLRDLKTQGRLWEAARALACPPGSLETLQLDVRDSKSVAAARERV
TEGRVDVLVCNAGLGLLGPLEALGEDAVASVLDVNVVGTVRMLQAFLPDMKRRGSGRVLVTGSVGGLMGLPFNDVYCASK
FALEGLCESLAVLLLPFGVHLSLIECGPVHTAFMEKVLGSPEEVLDRTDIHTFHRFYQYLAHSKQVFREAAQNPEEVAEV
FLTALRAPKPTLRYFTTERFLPLLRMRLDDPSGSNYVTAMHREVFGDVPAKAEAGAEAGGGAGPGAEDEAGRGAVGDPEL
GDPPAAPQ
;
_entity_poly.pdbx_strand_id   A,B
#
loop_
_chem_comp.id
_chem_comp.type
_chem_comp.name
_chem_comp.formula
J3Z non-polymer (9beta,13alpha)-3-hydroxyestra-1,3,5(10)-trien-17-one 'C18 H22 O2'
PEG non-polymer DI(HYDROXYETHYL)ETHER 'C4 H10 O3'
#
# COMPACT_ATOMS: atom_id res chain seq x y z
N ALA A 2 22.95 -6.13 30.13
CA ALA A 2 22.41 -4.81 29.76
C ALA A 2 20.98 -4.98 29.31
N ARG A 3 20.22 -3.91 29.46
CA ARG A 3 18.82 -3.91 29.01
C ARG A 3 18.57 -4.10 27.52
N THR A 4 17.33 -4.47 27.18
CA THR A 4 16.82 -4.50 25.81
C THR A 4 16.61 -3.02 25.38
N VAL A 5 17.17 -2.64 24.23
CA VAL A 5 17.06 -1.26 23.75
C VAL A 5 15.87 -1.18 22.79
N VAL A 6 14.90 -0.33 23.12
CA VAL A 6 13.69 -0.23 22.36
C VAL A 6 13.69 1.17 21.79
N LEU A 7 13.32 1.31 20.50
CA LEU A 7 13.15 2.65 19.96
C LEU A 7 11.82 2.66 19.25
N ILE A 8 11.01 3.66 19.59
CA ILE A 8 9.63 3.74 19.23
C ILE A 8 9.32 5.13 18.63
N THR A 9 8.65 5.17 17.48
CA THR A 9 8.27 6.40 16.85
C THR A 9 6.86 6.74 17.19
N GLY A 10 6.53 8.02 17.14
CA GLY A 10 5.21 8.50 17.38
C GLY A 10 4.76 8.27 18.78
N CYS A 11 5.61 8.58 19.77
CA CYS A 11 5.20 8.40 21.19
C CYS A 11 4.50 9.61 21.80
N SER A 12 4.02 10.49 20.96
CA SER A 12 3.37 11.71 21.40
C SER A 12 2.10 11.41 22.20
N SER A 13 1.53 10.25 21.91
CA SER A 13 0.19 9.99 22.19
C SER A 13 -0.13 8.51 21.87
N GLY A 14 -1.38 8.14 22.09
CA GLY A 14 -1.90 6.86 21.81
C GLY A 14 -1.02 5.69 22.08
N ILE A 15 -1.05 4.72 21.15
CA ILE A 15 -0.35 3.47 21.29
C ILE A 15 1.11 3.62 21.68
N GLY A 16 1.83 4.48 21.01
CA GLY A 16 3.25 4.60 21.28
C GLY A 16 3.58 5.25 22.58
N LEU A 17 2.78 6.21 23.00
CA LEU A 17 2.94 6.74 24.35
C LEU A 17 2.74 5.61 25.32
N HIS A 18 1.61 4.93 25.25
CA HIS A 18 1.30 3.86 26.24
C HIS A 18 2.31 2.74 26.18
N LEU A 19 2.78 2.40 24.97
CA LEU A 19 3.82 1.34 24.83
C LEU A 19 5.14 1.72 25.45
N ALA A 20 5.64 2.92 25.11
CA ALA A 20 6.88 3.40 25.75
C ALA A 20 6.85 3.36 27.32
N VAL A 21 5.77 3.81 27.91
CA VAL A 21 5.72 3.77 29.35
C VAL A 21 5.54 2.39 29.90
N ARG A 22 4.80 1.53 29.23
CA ARG A 22 4.60 0.21 29.71
C ARG A 22 5.91 -0.51 29.79
N LEU A 23 6.73 -0.31 28.80
CA LEU A 23 8.03 -0.94 28.69
C LEU A 23 9.01 -0.34 29.68
N ALA A 24 9.05 0.98 29.76
CA ALA A 24 9.99 1.67 30.66
C ALA A 24 9.77 1.23 32.12
N SER A 25 8.48 1.10 32.48
CA SER A 25 8.12 0.70 33.83
C SER A 25 7.95 -0.80 34.06
N ASP A 26 8.26 -1.62 33.07
CA ASP A 26 8.16 -3.04 33.35
C ASP A 26 8.94 -3.35 34.62
N PRO A 27 8.32 -4.08 35.57
CA PRO A 27 9.02 -4.53 36.78
C PRO A 27 10.34 -5.20 36.51
N SER A 28 10.48 -5.87 35.39
CA SER A 28 11.77 -6.49 35.09
C SER A 28 12.90 -5.43 35.05
N GLN A 29 12.55 -4.15 34.84
CA GLN A 29 13.53 -3.14 34.39
C GLN A 29 14.41 -3.66 33.22
N SER A 30 13.82 -4.52 32.38
CA SER A 30 14.50 -5.11 31.20
C SER A 30 14.74 -4.14 30.05
N PHE A 31 13.97 -3.04 29.98
CA PHE A 31 13.85 -2.27 28.74
C PHE A 31 14.42 -0.91 28.90
N LYS A 32 15.33 -0.57 27.99
CA LYS A 32 15.74 0.80 27.82
C LYS A 32 14.99 1.43 26.62
N VAL A 33 14.11 2.41 26.88
CA VAL A 33 13.26 2.92 25.83
C VAL A 33 13.62 4.32 25.39
N TYR A 34 13.83 4.47 24.08
CA TYR A 34 13.92 5.78 23.44
C TYR A 34 12.58 6.07 22.76
N ALA A 35 11.88 7.05 23.30
CA ALA A 35 10.58 7.38 22.83
C ALA A 35 10.75 8.59 21.94
N THR A 36 10.34 8.47 20.66
CA THR A 36 10.52 9.55 19.72
C THR A 36 9.21 10.23 19.38
N LEU A 37 9.31 11.52 19.10
CA LEU A 37 8.17 12.33 18.75
C LEU A 37 8.55 13.21 17.56
N ARG A 38 7.61 13.46 16.64
CA ARG A 38 7.80 14.56 15.66
C ARG A 38 8.26 15.89 16.31
N ASP A 39 7.49 16.37 17.31
CA ASP A 39 7.79 17.66 17.98
C ASP A 39 7.96 17.50 19.46
N LEU A 40 9.16 17.80 19.94
CA LEU A 40 9.51 17.71 21.34
C LEU A 40 8.60 18.50 22.31
N LYS A 41 7.95 19.57 21.88
CA LYS A 41 6.99 20.23 22.71
C LYS A 41 5.75 19.40 23.12
N THR A 42 5.53 18.23 22.53
CA THR A 42 4.26 17.49 22.77
C THR A 42 4.57 16.36 23.73
N GLN A 43 5.78 16.34 24.28
CA GLN A 43 6.19 15.27 25.14
C GLN A 43 5.64 15.30 26.60
N GLY A 44 4.83 16.31 26.91
CA GLY A 44 4.21 16.44 28.23
C GLY A 44 3.34 15.27 28.70
N ARG A 45 2.37 14.86 27.93
CA ARG A 45 1.54 13.76 28.31
C ARG A 45 2.42 12.57 28.59
N LEU A 46 3.40 12.35 27.74
CA LEU A 46 4.28 11.19 27.95
C LEU A 46 4.97 11.28 29.31
N TRP A 47 5.49 12.44 29.70
CA TRP A 47 6.20 12.49 30.97
C TRP A 47 5.21 12.41 32.15
N GLU A 48 4.03 12.99 31.99
CA GLU A 48 2.97 12.87 33.02
C GLU A 48 2.88 11.39 33.22
N ALA A 49 2.66 10.69 32.10
CA ALA A 49 2.46 9.25 32.09
C ALA A 49 3.66 8.50 32.62
N ALA A 50 4.87 8.91 32.26
CA ALA A 50 6.07 8.31 32.83
C ALA A 50 6.00 8.31 34.35
N ARG A 51 6.37 9.42 35.02
CA ARG A 51 6.31 9.44 36.52
C ARG A 51 4.84 9.65 36.73
N ALA A 52 4.18 8.63 37.29
CA ALA A 52 2.71 8.23 37.14
C ALA A 52 2.51 6.68 37.11
N LEU A 53 3.21 6.03 36.19
CA LEU A 53 3.63 4.64 36.29
C LEU A 53 5.03 4.44 36.92
N ALA A 54 5.66 5.53 37.34
CA ALA A 54 6.94 5.40 38.04
C ALA A 54 8.05 4.78 37.24
N CYS A 55 8.15 5.08 35.94
CA CYS A 55 9.33 4.53 35.21
C CYS A 55 10.54 4.90 35.98
N PRO A 56 11.40 3.94 36.29
CA PRO A 56 12.62 4.39 36.93
C PRO A 56 13.31 5.51 36.20
N PRO A 57 14.16 6.29 36.90
CA PRO A 57 15.18 7.14 36.29
C PRO A 57 15.99 6.45 35.26
N GLY A 58 16.05 7.00 34.05
CA GLY A 58 16.88 6.46 32.95
C GLY A 58 16.26 5.35 32.10
N SER A 59 15.07 4.84 32.46
CA SER A 59 14.42 3.83 31.63
C SER A 59 13.85 4.38 30.31
N LEU A 60 13.62 5.69 30.28
CA LEU A 60 12.95 6.41 29.26
C LEU A 60 13.75 7.70 28.95
N GLU A 61 14.17 7.90 27.69
CA GLU A 61 14.52 9.26 27.17
C GLU A 61 13.73 9.50 25.92
N THR A 62 13.44 10.75 25.64
CA THR A 62 12.79 11.15 24.44
C THR A 62 13.80 11.64 23.40
N LEU A 63 13.47 11.49 22.12
CA LEU A 63 14.23 12.12 21.00
C LEU A 63 13.27 12.70 20.03
N GLN A 64 13.69 13.80 19.40
CA GLN A 64 13.02 14.39 18.26
C GLN A 64 13.34 13.47 17.10
N LEU A 65 12.32 13.13 16.34
CA LEU A 65 12.45 12.28 15.16
C LEU A 65 11.24 12.53 14.30
N ASP A 66 11.46 13.05 13.13
CA ASP A 66 10.47 13.33 12.19
C ASP A 66 10.67 12.31 11.06
N VAL A 67 9.82 11.30 10.97
CA VAL A 67 9.99 10.26 10.00
C VAL A 67 9.93 10.69 8.54
N ARG A 68 9.39 11.88 8.24
CA ARG A 68 9.55 12.55 6.90
C ARG A 68 10.98 12.94 6.45
N ASP A 69 11.92 12.90 7.35
CA ASP A 69 13.24 13.45 7.09
C ASP A 69 14.31 12.52 7.59
N SER A 70 15.05 11.94 6.66
CA SER A 70 16.02 10.90 6.93
C SER A 70 17.22 11.40 7.67
N LYS A 71 17.43 12.71 7.71
CA LYS A 71 18.47 13.30 8.60
C LYS A 71 18.06 13.32 10.03
N SER A 72 16.80 13.63 10.29
CA SER A 72 16.21 13.47 11.61
C SER A 72 16.29 12.00 11.99
N VAL A 73 16.03 11.07 11.04
CA VAL A 73 16.22 9.61 11.37
C VAL A 73 17.67 9.24 11.75
N ALA A 74 18.65 9.75 11.00
CA ALA A 74 20.05 9.43 11.35
C ALA A 74 20.50 10.17 12.65
N ALA A 75 20.14 11.41 12.86
CA ALA A 75 20.46 12.10 14.13
C ALA A 75 19.98 11.27 15.32
N ALA A 76 18.77 10.78 15.25
CA ALA A 76 18.22 9.92 16.32
C ALA A 76 18.96 8.65 16.51
N ARG A 77 19.29 7.95 15.44
CA ARG A 77 20.01 6.70 15.49
C ARG A 77 21.32 6.90 16.14
N GLU A 78 21.87 8.06 15.91
CA GLU A 78 23.13 8.45 16.51
C GLU A 78 23.02 8.65 18.02
N ARG A 79 21.85 9.05 18.51
CA ARG A 79 21.71 9.34 19.94
C ARG A 79 21.51 8.05 20.75
N VAL A 80 21.44 6.90 20.09
CA VAL A 80 21.33 5.63 20.83
C VAL A 80 22.69 5.29 21.43
N THR A 81 22.83 5.57 22.72
CA THR A 81 24.17 5.61 23.30
C THR A 81 24.76 4.23 23.25
N GLU A 82 23.88 3.24 23.48
CA GLU A 82 24.29 1.89 23.53
C GLU A 82 24.74 1.39 22.17
N GLY A 83 24.51 2.19 21.11
CA GLY A 83 24.93 1.84 19.77
C GLY A 83 24.24 0.62 19.20
N ARG A 84 23.08 0.26 19.70
CA ARG A 84 22.33 -0.85 19.15
C ARG A 84 20.85 -0.77 19.46
N VAL A 85 20.03 -1.42 18.65
CA VAL A 85 18.59 -1.42 18.83
C VAL A 85 18.14 -2.86 18.77
N ASP A 86 17.66 -3.36 19.91
CA ASP A 86 17.14 -4.73 19.97
C ASP A 86 15.70 -4.83 19.47
N VAL A 87 14.93 -3.83 19.79
CA VAL A 87 13.57 -3.76 19.33
C VAL A 87 13.27 -2.39 18.72
N LEU A 88 12.95 -2.35 17.42
CA LEU A 88 12.36 -1.17 16.76
C LEU A 88 10.84 -1.23 16.59
N VAL A 89 10.18 -0.11 16.96
CA VAL A 89 8.73 -0.06 16.88
C VAL A 89 8.36 1.08 15.95
N CYS A 90 7.99 0.73 14.74
CA CYS A 90 7.51 1.65 13.74
C CYS A 90 6.07 1.80 13.94
N ASN A 91 5.74 2.87 14.62
CA ASN A 91 4.37 3.19 15.00
C ASN A 91 3.94 4.52 14.44
N ALA A 92 4.77 5.52 14.20
CA ALA A 92 4.17 6.82 13.74
C ALA A 92 3.18 6.61 12.60
N GLY A 93 2.17 7.46 12.54
CA GLY A 93 1.02 7.20 11.69
C GLY A 93 0.13 8.38 11.58
N LEU A 94 -0.60 8.46 10.46
CA LEU A 94 -1.58 9.49 10.22
C LEU A 94 -2.84 8.90 9.60
N GLY A 95 -3.96 9.57 9.82
CA GLY A 95 -5.22 9.18 9.34
C GLY A 95 -5.61 10.14 8.29
N LEU A 96 -6.60 9.75 7.51
CA LEU A 96 -7.12 10.60 6.46
C LEU A 96 -8.41 10.03 6.07
N LEU A 97 -9.40 10.84 6.28
CA LEU A 97 -10.77 10.41 6.32
C LEU A 97 -11.57 11.32 5.44
N GLY A 98 -12.10 10.82 4.33
CA GLY A 98 -13.03 11.63 3.49
C GLY A 98 -13.33 11.07 2.13
N PRO A 99 -14.12 11.79 1.33
CA PRO A 99 -14.31 11.33 -0.04
C PRO A 99 -13.01 11.58 -0.73
N LEU A 100 -12.58 10.59 -1.52
CA LEU A 100 -11.30 10.70 -2.19
C LEU A 100 -11.17 12.02 -2.92
N GLU A 101 -12.23 12.43 -3.59
CA GLU A 101 -12.15 13.60 -4.45
C GLU A 101 -12.18 14.92 -3.70
N ALA A 102 -12.71 14.88 -2.47
CA ALA A 102 -12.45 15.93 -1.46
C ALA A 102 -11.04 16.02 -0.90
N LEU A 103 -10.25 14.93 -0.91
CA LEU A 103 -8.95 14.99 -0.21
C LEU A 103 -7.99 15.86 -1.05
N GLY A 104 -7.15 16.64 -0.39
CA GLY A 104 -6.14 17.43 -1.05
C GLY A 104 -4.83 16.69 -1.26
N GLU A 105 -4.08 17.20 -2.23
CA GLU A 105 -3.02 16.50 -2.85
C GLU A 105 -1.86 16.34 -1.89
N ASP A 106 -1.58 17.40 -1.15
CA ASP A 106 -0.48 17.41 -0.19
C ASP A 106 -0.80 16.45 0.95
N ALA A 107 -2.04 16.50 1.45
CA ALA A 107 -2.54 15.59 2.48
C ALA A 107 -2.37 14.13 2.08
N VAL A 108 -2.98 13.78 0.96
CA VAL A 108 -2.84 12.43 0.38
C VAL A 108 -1.40 11.95 0.45
N ALA A 109 -0.49 12.79 -0.02
CA ALA A 109 1.00 12.53 -0.01
C ALA A 109 1.68 12.55 1.33
N SER A 110 1.19 13.45 2.19
CA SER A 110 1.66 13.49 3.55
C SER A 110 1.53 12.10 4.16
N VAL A 111 0.37 11.51 4.02
CA VAL A 111 0.09 10.17 4.57
C VAL A 111 1.01 9.06 4.07
N LEU A 112 1.34 9.10 2.80
CA LEU A 112 2.11 8.05 2.22
C LEU A 112 3.46 8.31 2.73
N ASP A 113 3.85 9.54 2.65
CA ASP A 113 5.22 9.87 3.04
C ASP A 113 5.53 9.45 4.48
N VAL A 114 4.56 9.66 5.38
CA VAL A 114 4.70 9.42 6.79
C VAL A 114 4.47 7.98 7.06
N ASN A 115 3.32 7.44 6.64
CA ASN A 115 3.04 6.03 6.99
C ASN A 115 3.98 5.04 6.31
N VAL A 116 4.22 5.23 5.01
CA VAL A 116 4.94 4.22 4.18
C VAL A 116 6.44 4.55 4.09
N VAL A 117 6.75 5.68 3.46
CA VAL A 117 8.16 6.06 3.28
C VAL A 117 8.84 6.21 4.64
N GLY A 118 8.16 6.89 5.52
CA GLY A 118 8.60 6.97 6.87
C GLY A 118 9.09 5.65 7.40
N THR A 119 8.27 4.64 7.30
CA THR A 119 8.66 3.32 7.79
C THR A 119 9.87 2.75 7.00
N VAL A 120 9.93 3.10 5.73
CA VAL A 120 11.08 2.73 4.94
C VAL A 120 12.33 3.36 5.42
N ARG A 121 12.30 4.69 5.66
CA ARG A 121 13.51 5.36 6.16
C ARG A 121 13.94 4.67 7.43
N MET A 122 12.99 4.41 8.35
CA MET A 122 13.35 3.78 9.64
C MET A 122 14.03 2.46 9.41
N LEU A 123 13.37 1.67 8.62
CA LEU A 123 13.91 0.34 8.37
C LEU A 123 15.26 0.46 7.64
N GLN A 124 15.34 1.37 6.68
CA GLN A 124 16.66 1.62 6.05
C GLN A 124 17.74 1.99 7.01
N ALA A 125 17.44 2.85 7.98
CA ALA A 125 18.48 3.25 8.91
C ALA A 125 18.79 2.24 10.00
N PHE A 126 17.89 1.29 10.31
CA PHE A 126 18.11 0.40 11.48
C PHE A 126 18.28 -1.09 11.15
N LEU A 127 17.73 -1.60 10.06
CA LEU A 127 17.93 -3.03 9.71
C LEU A 127 19.42 -3.39 9.53
N PRO A 128 20.23 -2.54 8.84
CA PRO A 128 21.64 -2.87 8.63
C PRO A 128 22.31 -3.37 9.86
N ASP A 129 22.35 -2.59 10.92
CA ASP A 129 22.97 -3.10 12.15
C ASP A 129 22.32 -4.43 12.67
N MET A 130 21.00 -4.55 12.61
CA MET A 130 20.35 -5.75 13.10
C MET A 130 20.73 -7.02 12.31
N LYS A 131 20.92 -6.88 11.01
CA LYS A 131 21.41 -8.00 10.16
C LYS A 131 22.84 -8.41 10.45
N ARG A 132 23.73 -7.41 10.69
CA ARG A 132 25.18 -7.63 11.06
C ARG A 132 25.30 -8.46 12.33
N ARG A 133 24.59 -8.01 13.37
CA ARG A 133 24.45 -8.74 14.63
C ARG A 133 23.76 -10.08 14.46
N GLY A 134 22.94 -10.26 13.42
CA GLY A 134 22.02 -11.41 13.41
C GLY A 134 20.94 -11.41 14.52
N SER A 135 20.57 -10.23 15.06
CA SER A 135 19.42 -10.14 15.97
C SER A 135 18.78 -8.76 16.01
N GLY A 136 17.55 -8.75 16.47
CA GLY A 136 16.72 -7.56 16.31
C GLY A 136 15.28 -7.92 16.10
N ARG A 137 14.40 -7.11 16.69
CA ARG A 137 12.95 -7.25 16.47
C ARG A 137 12.38 -5.96 15.99
N VAL A 138 11.51 -6.04 15.00
CA VAL A 138 10.88 -4.84 14.51
C VAL A 138 9.45 -5.12 14.68
N LEU A 139 8.76 -4.16 15.26
CA LEU A 139 7.33 -4.21 15.41
C LEU A 139 6.73 -3.03 14.72
N VAL A 140 5.67 -3.31 13.97
CA VAL A 140 5.07 -2.27 13.16
C VAL A 140 3.67 -2.20 13.48
N THR A 141 3.18 -0.98 13.72
CA THR A 141 1.73 -0.77 14.04
C THR A 141 0.89 -0.90 12.82
N GLY A 142 0.08 -1.98 12.81
CA GLY A 142 -0.82 -2.32 11.76
C GLY A 142 -2.24 -1.92 12.05
N SER A 143 -3.10 -2.04 11.04
CA SER A 143 -4.48 -1.65 11.18
C SER A 143 -5.39 -2.65 10.57
N VAL A 144 -6.63 -2.55 10.98
CA VAL A 144 -7.73 -3.28 10.32
C VAL A 144 -7.77 -2.82 8.87
N GLY A 145 -7.58 -1.52 8.63
CA GLY A 145 -7.53 -0.94 7.30
C GLY A 145 -6.36 -1.34 6.38
N GLY A 146 -5.39 -2.08 6.90
CA GLY A 146 -4.37 -2.69 6.09
C GLY A 146 -4.82 -4.04 5.59
N LEU A 147 -5.92 -4.54 6.06
CA LEU A 147 -6.31 -5.91 5.81
C LEU A 147 -7.55 -5.98 4.92
N MET A 148 -8.31 -4.89 4.99
CA MET A 148 -9.56 -4.73 4.27
C MET A 148 -9.88 -3.25 4.11
N GLY A 149 -10.34 -2.89 2.91
CA GLY A 149 -10.67 -1.53 2.56
C GLY A 149 -11.94 -1.06 3.22
N LEU A 150 -11.97 0.24 3.49
CA LEU A 150 -12.98 0.84 4.26
C LEU A 150 -13.32 2.15 3.58
N PRO A 151 -14.63 2.40 3.32
CA PRO A 151 -15.03 3.58 2.57
C PRO A 151 -14.61 4.81 3.29
N PHE A 152 -14.24 5.82 2.51
CA PHE A 152 -13.75 7.06 2.99
C PHE A 152 -12.41 7.02 3.75
N ASN A 153 -11.78 5.86 3.91
CA ASN A 153 -10.37 5.76 4.30
C ASN A 153 -9.50 5.22 3.15
N ASP A 154 -9.70 5.74 1.96
CA ASP A 154 -9.07 5.13 0.77
C ASP A 154 -7.52 5.22 0.86
N VAL A 155 -7.02 6.41 1.14
CA VAL A 155 -5.62 6.67 1.20
C VAL A 155 -5.06 6.17 2.50
N TYR A 156 -5.86 6.22 3.56
CA TYR A 156 -5.40 5.64 4.81
C TYR A 156 -5.14 4.15 4.59
N CYS A 157 -6.18 3.43 4.14
CA CYS A 157 -6.05 1.98 3.87
C CYS A 157 -4.95 1.68 2.82
N ALA A 158 -4.83 2.52 1.80
CA ALA A 158 -3.74 2.33 0.83
C ALA A 158 -2.35 2.34 1.53
N SER A 159 -2.18 3.27 2.47
CA SER A 159 -0.92 3.49 3.15
C SER A 159 -0.73 2.31 4.07
N LYS A 160 -1.83 1.75 4.65
CA LYS A 160 -1.72 0.55 5.55
C LYS A 160 -1.64 -0.82 4.82
N PHE A 161 -2.35 -0.99 3.70
CA PHE A 161 -2.03 -2.10 2.78
C PHE A 161 -0.50 -2.14 2.43
N ALA A 162 0.06 -0.97 2.11
CA ALA A 162 1.51 -0.86 1.83
C ALA A 162 2.45 -1.38 2.90
N LEU A 163 2.08 -1.22 4.18
CA LEU A 163 2.95 -1.70 5.21
C LEU A 163 2.93 -3.18 5.24
N GLU A 164 1.72 -3.74 5.05
CA GLU A 164 1.53 -5.22 4.90
C GLU A 164 2.49 -5.68 3.78
N GLY A 165 2.42 -5.04 2.63
CA GLY A 165 3.29 -5.37 1.51
C GLY A 165 4.72 -5.28 1.83
N LEU A 166 5.14 -4.17 2.41
CA LEU A 166 6.55 -3.83 2.67
C LEU A 166 7.07 -4.79 3.69
N CYS A 167 6.25 -4.99 4.70
CA CYS A 167 6.63 -5.89 5.81
C CYS A 167 6.72 -7.37 5.46
N GLU A 168 5.75 -7.88 4.72
CA GLU A 168 5.73 -9.25 4.30
C GLU A 168 6.94 -9.55 3.36
N SER A 169 7.24 -8.58 2.49
CA SER A 169 8.30 -8.82 1.51
C SER A 169 9.62 -8.91 2.21
N LEU A 170 9.86 -8.03 3.20
CA LEU A 170 11.05 -8.08 3.99
C LEU A 170 11.08 -9.33 4.81
N ALA A 171 9.93 -9.72 5.34
CA ALA A 171 9.95 -10.91 6.22
C ALA A 171 10.36 -12.15 5.42
N VAL A 172 9.92 -12.26 4.18
CA VAL A 172 10.36 -13.37 3.36
C VAL A 172 11.88 -13.38 3.26
N LEU A 173 12.53 -12.24 3.06
CA LEU A 173 14.00 -12.21 3.06
C LEU A 173 14.58 -12.40 4.44
N LEU A 174 13.98 -11.79 5.47
CA LEU A 174 14.61 -11.77 6.78
C LEU A 174 14.67 -13.04 7.64
N LEU A 175 14.05 -14.12 7.21
CA LEU A 175 13.94 -15.34 8.01
C LEU A 175 15.29 -16.06 8.35
N PRO A 176 16.22 -16.19 7.37
CA PRO A 176 17.54 -16.73 7.73
C PRO A 176 18.44 -15.79 8.50
N PHE A 177 18.05 -14.53 8.67
CA PHE A 177 18.96 -13.53 9.26
C PHE A 177 18.81 -13.43 10.75
N GLY A 178 17.83 -14.10 11.36
CA GLY A 178 17.57 -13.90 12.80
C GLY A 178 17.00 -12.54 13.19
N VAL A 179 16.47 -11.79 12.22
CA VAL A 179 15.79 -10.55 12.48
C VAL A 179 14.30 -10.79 12.20
N HIS A 180 13.48 -10.41 13.18
CA HIS A 180 12.04 -10.64 13.10
C HIS A 180 11.25 -9.35 12.99
N LEU A 181 10.32 -9.42 12.07
CA LEU A 181 9.51 -8.37 11.75
C LEU A 181 8.15 -8.92 11.98
N SER A 182 7.31 -8.19 12.74
CA SER A 182 5.92 -8.51 12.96
C SER A 182 5.04 -7.23 12.93
N LEU A 183 3.83 -7.41 12.44
CA LEU A 183 2.78 -6.43 12.37
C LEU A 183 1.78 -6.64 13.52
N ILE A 184 1.50 -5.57 14.26
CA ILE A 184 0.51 -5.62 15.32
C ILE A 184 -0.74 -5.05 14.72
N GLU A 185 -1.68 -5.93 14.37
CA GLU A 185 -2.94 -5.54 13.72
C GLU A 185 -4.03 -5.11 14.70
N CYS A 186 -4.24 -3.79 14.75
CA CYS A 186 -5.13 -3.09 15.69
C CYS A 186 -6.46 -2.77 15.04
N GLY A 187 -7.56 -2.95 15.78
CA GLY A 187 -8.81 -2.40 15.41
C GLY A 187 -8.87 -0.99 15.96
N PRO A 188 -10.06 -0.45 16.10
CA PRO A 188 -10.07 0.83 16.76
C PRO A 188 -9.56 0.77 18.18
N VAL A 189 -9.01 1.90 18.60
CA VAL A 189 -8.30 2.03 19.84
C VAL A 189 -8.58 3.43 20.35
N HIS A 190 -8.87 3.56 21.67
CA HIS A 190 -8.96 4.84 22.47
C HIS A 190 -7.73 5.74 22.73
N THR A 191 -7.87 7.05 22.48
CA THR A 191 -6.78 8.06 22.57
C THR A 191 -5.81 7.88 21.41
N SER A 200 -16.31 23.37 7.31
CA SER A 200 -15.77 22.18 6.66
C SER A 200 -16.79 21.40 5.85
N PRO A 201 -17.93 20.99 6.44
CA PRO A 201 -19.03 20.31 5.77
C PRO A 201 -19.33 21.05 4.48
N GLU A 202 -19.19 22.35 4.53
CA GLU A 202 -19.34 23.17 3.37
C GLU A 202 -18.30 22.65 2.36
N GLU A 203 -17.03 22.83 2.69
CA GLU A 203 -15.90 22.33 1.87
C GLU A 203 -16.21 20.93 1.29
N VAL A 204 -16.74 20.02 2.11
CA VAL A 204 -16.98 18.64 1.69
C VAL A 204 -18.13 18.50 0.70
N LEU A 205 -19.18 19.28 0.89
CA LEU A 205 -20.26 19.29 -0.08
C LEU A 205 -19.81 19.76 -1.46
N ASP A 206 -19.01 20.82 -1.48
CA ASP A 206 -18.53 21.41 -2.73
C ASP A 206 -17.50 20.66 -3.55
N ARG A 207 -16.70 19.81 -2.89
CA ARG A 207 -15.67 19.00 -3.54
C ARG A 207 -16.19 17.58 -3.85
N THR A 208 -17.48 17.31 -3.57
CA THR A 208 -18.13 16.09 -4.03
C THR A 208 -19.62 16.23 -4.38
N ASP A 209 -20.19 15.15 -4.89
CA ASP A 209 -21.63 15.08 -5.09
C ASP A 209 -22.45 14.84 -3.82
N ILE A 210 -23.68 15.29 -3.92
CA ILE A 210 -24.72 15.13 -2.92
C ILE A 210 -24.95 13.73 -2.38
N HIS A 211 -24.89 12.69 -3.20
CA HIS A 211 -25.24 11.37 -2.67
C HIS A 211 -24.06 10.80 -1.86
N THR A 212 -22.85 11.18 -2.25
CA THR A 212 -21.61 10.88 -1.55
C THR A 212 -21.66 11.52 -0.16
N PHE A 213 -22.07 12.80 -0.18
CA PHE A 213 -22.19 13.63 1.02
C PHE A 213 -23.03 12.94 2.06
N HIS A 214 -24.23 12.54 1.69
CA HIS A 214 -25.01 11.69 2.61
C HIS A 214 -24.31 10.41 3.04
N ARG A 215 -23.65 9.71 2.11
CA ARG A 215 -22.95 8.48 2.45
C ARG A 215 -21.80 8.76 3.46
N PHE A 216 -21.08 9.87 3.30
CA PHE A 216 -20.06 10.23 4.25
C PHE A 216 -20.60 10.41 5.68
N TYR A 217 -21.57 11.29 5.91
CA TYR A 217 -22.10 11.47 7.26
C TYR A 217 -22.85 10.25 7.74
N GLN A 218 -23.27 9.35 6.84
CA GLN A 218 -23.74 8.03 7.27
C GLN A 218 -22.60 7.16 7.77
N TYR A 219 -21.49 7.15 7.04
CA TYR A 219 -20.32 6.41 7.46
C TYR A 219 -19.93 6.94 8.84
N LEU A 220 -19.47 8.19 8.89
CA LEU A 220 -19.15 8.83 10.15
C LEU A 220 -20.07 8.43 11.33
N ALA A 221 -21.37 8.35 11.10
CA ALA A 221 -22.31 7.97 12.18
C ALA A 221 -22.04 6.56 12.63
N HIS A 222 -22.01 5.64 11.68
CA HIS A 222 -21.62 4.26 11.97
C HIS A 222 -20.20 4.14 12.51
N SER A 223 -19.30 5.03 12.11
CA SER A 223 -17.92 4.93 12.57
C SER A 223 -17.81 5.37 14.04
N LYS A 224 -18.50 6.45 14.42
CA LYS A 224 -18.63 6.78 15.85
C LYS A 224 -19.38 5.63 16.56
N GLN A 225 -20.41 5.08 15.91
CA GLN A 225 -21.16 3.96 16.48
C GLN A 225 -20.23 2.83 16.84
N VAL A 226 -19.36 2.46 15.92
CA VAL A 226 -18.47 1.33 16.13
C VAL A 226 -17.28 1.66 17.08
N PHE A 227 -16.87 2.92 17.21
CA PHE A 227 -15.82 3.31 18.17
C PHE A 227 -16.33 3.23 19.60
N ARG A 228 -17.66 3.16 19.82
CA ARG A 228 -18.26 2.97 21.18
C ARG A 228 -18.46 1.48 21.54
N GLU A 229 -18.81 0.66 20.57
CA GLU A 229 -19.00 -0.77 20.80
C GLU A 229 -17.69 -1.55 20.67
N ALA A 230 -16.54 -0.89 20.42
CA ALA A 230 -15.34 -1.64 19.92
C ALA A 230 -13.90 -1.21 20.30
N ALA A 231 -13.73 -0.03 20.87
CA ALA A 231 -12.43 0.61 20.96
C ALA A 231 -11.72 0.08 22.15
N GLN A 232 -10.47 -0.40 21.95
CA GLN A 232 -9.75 -1.02 23.02
C GLN A 232 -8.95 0.01 23.77
N ASN A 233 -8.65 -0.33 25.02
CA ASN A 233 -7.64 0.36 25.80
C ASN A 233 -6.28 0.22 25.07
N PRO A 234 -5.46 1.28 25.06
CA PRO A 234 -4.11 1.14 24.51
C PRO A 234 -3.23 0.27 25.35
N GLU A 235 -3.57 0.17 26.62
CA GLU A 235 -3.00 -0.81 27.54
C GLU A 235 -3.14 -2.23 27.03
N GLU A 236 -4.37 -2.61 26.67
CA GLU A 236 -4.59 -3.87 26.03
C GLU A 236 -3.69 -4.04 24.77
N VAL A 237 -3.68 -3.02 23.92
CA VAL A 237 -2.89 -3.09 22.67
C VAL A 237 -1.41 -3.22 22.97
N ALA A 238 -0.91 -2.43 23.89
CA ALA A 238 0.50 -2.48 24.20
C ALA A 238 0.85 -3.80 24.74
N GLU A 239 -0.05 -4.42 25.46
CA GLU A 239 0.28 -5.81 25.94
C GLU A 239 0.47 -6.79 24.74
N VAL A 240 -0.30 -6.60 23.67
CA VAL A 240 -0.03 -7.39 22.41
C VAL A 240 1.35 -7.15 21.81
N PHE A 241 1.80 -5.90 21.83
CA PHE A 241 3.20 -5.70 21.40
C PHE A 241 4.16 -6.52 22.27
N LEU A 242 3.92 -6.51 23.58
CA LEU A 242 4.73 -7.27 24.53
C LEU A 242 4.79 -8.73 24.17
N THR A 243 3.61 -9.28 24.00
CA THR A 243 3.55 -10.68 23.64
C THR A 243 4.37 -10.96 22.38
N ALA A 244 4.31 -10.09 21.41
CA ALA A 244 5.08 -10.31 20.20
C ALA A 244 6.57 -10.26 20.47
N LEU A 245 7.01 -9.28 21.23
CA LEU A 245 8.39 -9.08 21.56
C LEU A 245 9.04 -10.24 22.23
N ARG A 246 8.32 -10.82 23.17
CA ARG A 246 8.81 -11.91 23.94
C ARG A 246 8.74 -13.20 23.20
N ALA A 247 7.66 -13.42 22.51
CA ALA A 247 7.54 -14.64 21.69
C ALA A 247 8.90 -15.16 21.21
N PRO A 248 9.25 -16.41 21.56
CA PRO A 248 10.44 -17.00 20.96
C PRO A 248 10.27 -17.26 19.44
N LYS A 249 9.06 -17.64 18.97
CA LYS A 249 8.79 -17.91 17.54
C LYS A 249 7.85 -16.85 16.93
N PRO A 250 8.38 -15.65 16.59
CA PRO A 250 7.42 -14.57 16.29
C PRO A 250 6.84 -14.69 14.90
N THR A 251 5.52 -14.57 14.84
CA THR A 251 4.82 -14.64 13.57
C THR A 251 4.72 -13.19 12.97
N LEU A 252 4.51 -13.16 11.66
CA LEU A 252 4.39 -11.91 10.96
C LEU A 252 3.25 -11.02 11.42
N ARG A 253 2.13 -11.57 11.84
CA ARG A 253 1.03 -10.79 12.34
C ARG A 253 0.46 -11.23 13.64
N TYR A 254 0.04 -10.26 14.43
CA TYR A 254 -0.60 -10.44 15.68
C TYR A 254 -1.84 -9.60 15.62
N PHE A 255 -2.95 -10.07 16.11
CA PHE A 255 -4.16 -9.28 16.09
C PHE A 255 -4.56 -8.92 17.51
N THR A 256 -4.94 -7.69 17.77
CA THR A 256 -5.29 -7.32 19.15
C THR A 256 -6.77 -7.71 19.55
N THR A 257 -7.49 -8.37 18.65
CA THR A 257 -8.91 -8.65 18.84
C THR A 257 -9.35 -9.64 17.81
N GLU A 258 -10.42 -10.34 18.15
CA GLU A 258 -11.03 -11.37 17.32
C GLU A 258 -12.07 -10.75 16.38
N ARG A 259 -12.64 -9.61 16.81
CA ARG A 259 -13.83 -9.01 16.20
C ARG A 259 -13.86 -9.14 14.71
N PHE A 260 -12.93 -8.47 14.06
CA PHE A 260 -12.94 -8.35 12.60
C PHE A 260 -12.41 -9.59 11.86
N LEU A 261 -11.97 -10.61 12.58
CA LEU A 261 -11.45 -11.85 11.93
C LEU A 261 -12.39 -12.61 10.99
N PRO A 262 -13.70 -12.56 11.23
CA PRO A 262 -14.51 -13.29 10.24
C PRO A 262 -14.76 -12.48 8.95
N LEU A 263 -14.82 -11.14 9.02
CA LEU A 263 -14.76 -10.29 7.81
C LEU A 263 -13.46 -10.50 7.07
N LEU A 264 -12.41 -10.75 7.81
CA LEU A 264 -11.19 -11.05 7.20
C LEU A 264 -11.29 -12.41 6.53
N ARG A 265 -11.92 -13.40 7.15
CA ARG A 265 -12.03 -14.73 6.52
C ARG A 265 -12.86 -14.70 5.23
N MET A 266 -14.07 -14.13 5.29
CA MET A 266 -14.94 -14.03 4.09
C MET A 266 -14.32 -13.16 3.00
N ARG A 267 -13.40 -12.29 3.39
CA ARG A 267 -12.60 -11.57 2.42
C ARG A 267 -11.62 -12.48 1.73
N LEU A 268 -10.98 -13.31 2.55
CA LEU A 268 -9.93 -14.21 2.12
C LEU A 268 -10.38 -15.37 1.19
N ASP A 269 -11.52 -16.00 1.42
CA ASP A 269 -11.95 -17.13 0.56
C ASP A 269 -12.69 -16.74 -0.73
N ASP A 270 -12.98 -15.45 -0.91
CA ASP A 270 -13.49 -14.90 -2.17
C ASP A 270 -12.42 -14.07 -2.90
N PRO A 271 -11.54 -14.69 -3.71
CA PRO A 271 -10.46 -13.88 -4.31
C PRO A 271 -10.99 -12.83 -5.28
N SER A 272 -12.07 -13.17 -6.01
CA SER A 272 -12.80 -12.19 -6.84
C SER A 272 -13.07 -10.86 -6.11
N GLY A 273 -13.29 -10.91 -4.81
CA GLY A 273 -13.46 -9.73 -4.02
C GLY A 273 -14.84 -9.17 -3.90
N SER A 274 -15.79 -9.58 -4.73
CA SER A 274 -17.11 -8.92 -4.66
C SER A 274 -17.98 -9.32 -3.42
N ASN A 275 -17.69 -10.44 -2.77
CA ASN A 275 -18.40 -10.78 -1.49
C ASN A 275 -18.03 -9.85 -0.40
N TYR A 276 -16.72 -9.67 -0.23
CA TYR A 276 -16.25 -8.69 0.72
C TYR A 276 -16.82 -7.37 0.45
N VAL A 277 -16.92 -6.98 -0.82
CA VAL A 277 -17.40 -5.63 -1.12
C VAL A 277 -18.83 -5.40 -0.61
N THR A 278 -19.74 -6.34 -0.86
CA THR A 278 -21.12 -6.19 -0.39
C THR A 278 -21.18 -6.29 1.14
N ALA A 279 -20.58 -7.36 1.66
CA ALA A 279 -20.50 -7.61 3.08
C ALA A 279 -20.21 -6.31 3.80
N MET A 280 -19.16 -5.63 3.37
CA MET A 280 -18.78 -4.38 4.03
C MET A 280 -19.74 -3.25 3.79
N HIS A 281 -20.38 -3.20 2.61
CA HIS A 281 -21.37 -2.15 2.33
C HIS A 281 -22.54 -2.33 3.29
N ARG A 282 -23.00 -3.58 3.49
CA ARG A 282 -24.15 -3.89 4.37
C ARG A 282 -23.82 -3.46 5.77
N GLU A 283 -22.68 -3.97 6.25
CA GLU A 283 -22.12 -3.63 7.55
C GLU A 283 -22.21 -2.12 7.80
N VAL A 284 -21.78 -1.34 6.82
CA VAL A 284 -21.68 0.10 7.00
C VAL A 284 -23.02 0.89 6.85
N PHE A 285 -23.88 0.63 5.87
CA PHE A 285 -24.98 1.62 5.51
C PHE A 285 -26.43 1.18 5.77
N ALA B 2 -21.90 8.19 -28.96
CA ALA B 2 -20.77 7.72 -29.77
C ALA B 2 -20.26 6.36 -29.24
N ARG B 3 -19.03 6.02 -29.57
CA ARG B 3 -18.34 4.90 -28.96
C ARG B 3 -18.30 4.98 -27.41
N THR B 4 -17.99 3.85 -26.76
CA THR B 4 -17.50 3.84 -25.38
C THR B 4 -16.13 4.55 -25.31
N VAL B 5 -16.02 5.66 -24.58
CA VAL B 5 -14.72 6.34 -24.50
C VAL B 5 -13.81 5.64 -23.46
N VAL B 6 -12.52 5.57 -23.80
CA VAL B 6 -11.54 4.90 -23.00
C VAL B 6 -10.30 5.73 -22.88
N LEU B 7 -9.88 6.03 -21.65
CA LEU B 7 -8.62 6.75 -21.49
C LEU B 7 -7.68 5.80 -20.83
N ILE B 8 -6.44 5.71 -21.29
CA ILE B 8 -5.49 4.77 -20.75
C ILE B 8 -4.16 5.42 -20.52
N THR B 9 -3.44 4.97 -19.46
CA THR B 9 -2.15 5.54 -19.05
C THR B 9 -1.06 4.47 -19.13
N GLY B 10 0.19 4.90 -19.23
CA GLY B 10 1.33 4.04 -19.64
C GLY B 10 1.25 3.34 -21.01
N CYS B 11 0.71 4.03 -22.04
CA CYS B 11 0.62 3.54 -23.45
C CYS B 11 1.92 3.58 -24.29
N SER B 12 3.03 3.98 -23.65
CA SER B 12 4.31 4.06 -24.28
C SER B 12 4.72 2.63 -24.70
N SER B 13 5.13 1.80 -23.73
CA SER B 13 5.51 0.39 -23.95
C SER B 13 4.38 -0.57 -23.52
N GLY B 14 4.72 -1.86 -23.38
CA GLY B 14 3.93 -2.87 -22.66
C GLY B 14 2.41 -2.93 -22.78
N ILE B 15 1.79 -3.30 -21.66
CA ILE B 15 0.34 -3.60 -21.55
C ILE B 15 -0.56 -2.51 -22.14
N GLY B 16 -0.30 -1.29 -21.68
CA GLY B 16 -1.12 -0.17 -22.04
C GLY B 16 -1.13 0.08 -23.52
N LEU B 17 0.08 -0.02 -24.08
CA LEU B 17 0.24 -0.03 -25.54
C LEU B 17 -0.67 -1.07 -26.21
N HIS B 18 -0.48 -2.34 -25.86
CA HIS B 18 -1.20 -3.42 -26.60
C HIS B 18 -2.72 -3.42 -26.42
N LEU B 19 -3.19 -2.84 -25.31
CA LEU B 19 -4.63 -2.74 -25.00
C LEU B 19 -5.23 -1.54 -25.70
N ALA B 20 -4.43 -0.48 -25.81
CA ALA B 20 -4.87 0.68 -26.53
C ALA B 20 -5.21 0.23 -27.97
N VAL B 21 -4.23 -0.37 -28.65
CA VAL B 21 -4.48 -0.87 -30.03
C VAL B 21 -5.65 -1.88 -30.08
N ARG B 22 -5.76 -2.77 -29.09
CA ARG B 22 -6.77 -3.82 -29.17
C ARG B 22 -8.18 -3.21 -29.22
N LEU B 23 -8.49 -2.26 -28.34
CA LEU B 23 -9.86 -1.67 -28.31
C LEU B 23 -10.20 -0.79 -29.51
N ALA B 24 -9.21 -0.01 -29.95
CA ALA B 24 -9.31 0.81 -31.14
C ALA B 24 -9.66 -0.06 -32.35
N SER B 25 -8.92 -1.16 -32.51
CA SER B 25 -9.08 -1.99 -33.69
C SER B 25 -10.31 -2.91 -33.68
N ASP B 26 -11.26 -2.67 -32.79
CA ASP B 26 -12.20 -3.73 -32.47
C ASP B 26 -13.10 -3.96 -33.66
N PRO B 27 -13.40 -5.25 -33.99
CA PRO B 27 -14.40 -5.62 -35.02
C PRO B 27 -15.75 -4.90 -34.91
N SER B 28 -16.03 -4.30 -33.76
CA SER B 28 -17.21 -3.45 -33.55
C SER B 28 -17.03 -1.97 -33.91
N GLN B 29 -15.77 -1.53 -34.07
CA GLN B 29 -15.34 -0.10 -33.96
C GLN B 29 -15.89 0.61 -32.67
N SER B 30 -16.01 -0.14 -31.56
CA SER B 30 -16.85 0.23 -30.36
C SER B 30 -16.29 1.27 -29.39
N PHE B 31 -14.97 1.45 -29.38
CA PHE B 31 -14.29 2.17 -28.31
C PHE B 31 -13.39 3.26 -28.94
N LYS B 32 -13.62 4.55 -28.63
CA LYS B 32 -12.65 5.63 -28.94
C LYS B 32 -11.58 5.70 -27.85
N VAL B 33 -10.31 5.61 -28.22
CA VAL B 33 -9.22 5.46 -27.26
C VAL B 33 -8.27 6.68 -27.18
N TYR B 34 -8.11 7.19 -25.97
CA TYR B 34 -7.13 8.18 -25.70
C TYR B 34 -6.05 7.43 -25.01
N ALA B 35 -4.89 7.38 -25.63
CA ALA B 35 -3.75 6.75 -25.01
C ALA B 35 -3.02 7.88 -24.41
N THR B 36 -2.32 7.68 -23.30
CA THR B 36 -1.60 8.80 -22.72
C THR B 36 -0.12 8.47 -22.50
N LEU B 37 0.75 9.47 -22.57
CA LEU B 37 2.20 9.17 -22.47
C LEU B 37 2.89 10.25 -21.70
N ARG B 38 3.96 9.89 -21.02
CA ARG B 38 4.75 10.87 -20.24
C ARG B 38 5.67 11.72 -21.17
N ASP B 39 6.36 11.08 -22.11
CA ASP B 39 6.99 11.73 -23.28
C ASP B 39 6.03 11.56 -24.46
N LEU B 40 5.40 12.61 -24.97
CA LEU B 40 4.55 12.43 -26.15
C LEU B 40 5.36 11.96 -27.39
N LYS B 41 6.68 12.20 -27.39
CA LYS B 41 7.55 11.87 -28.53
C LYS B 41 7.68 10.37 -28.81
N THR B 42 7.69 9.56 -27.76
CA THR B 42 7.91 8.11 -27.89
C THR B 42 6.66 7.33 -28.37
N GLN B 43 5.57 8.01 -28.70
CA GLN B 43 4.47 7.40 -29.46
C GLN B 43 4.83 6.77 -30.85
N GLY B 44 6.13 6.70 -31.22
CA GLY B 44 6.58 5.98 -32.42
C GLY B 44 6.21 4.50 -32.37
N ARG B 45 6.78 3.82 -31.38
CA ARG B 45 6.36 2.47 -30.91
C ARG B 45 4.92 2.11 -31.29
N LEU B 46 4.00 3.03 -30.97
CA LEU B 46 2.56 2.74 -30.83
C LEU B 46 1.72 3.03 -32.07
N TRP B 47 2.02 4.11 -32.80
CA TRP B 47 1.20 4.49 -33.96
C TRP B 47 1.31 3.56 -35.15
N GLU B 48 2.47 2.93 -35.29
CA GLU B 48 2.65 1.91 -36.30
C GLU B 48 1.62 0.80 -36.06
N ALA B 49 1.58 0.24 -34.84
CA ALA B 49 0.75 -0.95 -34.58
C ALA B 49 -0.77 -0.67 -34.50
N ALA B 50 -1.19 0.54 -34.89
CA ALA B 50 -2.62 0.86 -35.13
C ALA B 50 -2.93 1.38 -36.58
N ARG B 51 -2.01 2.16 -37.18
CA ARG B 51 -1.95 2.29 -38.65
C ARG B 51 -1.89 0.84 -39.12
N ALA B 52 -0.86 0.08 -38.69
CA ALA B 52 -0.76 -1.39 -38.96
C ALA B 52 -2.07 -2.19 -38.92
N LEU B 53 -2.94 -1.94 -37.93
CA LEU B 53 -4.18 -2.72 -37.72
C LEU B 53 -5.47 -2.16 -38.36
N ALA B 54 -5.35 -1.16 -39.23
CA ALA B 54 -6.51 -0.46 -39.82
C ALA B 54 -7.46 0.06 -38.74
N CYS B 55 -6.88 0.75 -37.77
CA CYS B 55 -7.66 1.46 -36.77
C CYS B 55 -8.43 2.56 -37.47
N PRO B 56 -9.77 2.45 -37.52
CA PRO B 56 -10.64 3.34 -38.31
C PRO B 56 -10.48 4.90 -38.11
N PRO B 57 -11.19 5.73 -38.93
CA PRO B 57 -11.16 7.20 -38.78
C PRO B 57 -11.17 7.69 -37.32
N GLY B 58 -9.97 7.78 -36.73
CA GLY B 58 -9.75 8.43 -35.42
C GLY B 58 -10.14 7.64 -34.18
N SER B 59 -9.97 6.33 -34.23
CA SER B 59 -10.26 5.49 -33.10
C SER B 59 -9.18 5.59 -31.99
N LEU B 60 -8.00 6.13 -32.30
CA LEU B 60 -6.89 6.32 -31.36
C LEU B 60 -6.41 7.78 -31.32
N GLU B 61 -6.54 8.44 -30.15
CA GLU B 61 -6.01 9.81 -29.87
C GLU B 61 -4.82 9.66 -28.94
N THR B 62 -3.77 10.48 -29.06
CA THR B 62 -2.67 10.46 -28.03
C THR B 62 -2.41 11.78 -27.28
N LEU B 63 -2.65 11.75 -25.97
CA LEU B 63 -2.47 12.92 -25.09
C LEU B 63 -1.24 12.74 -24.24
N GLN B 64 -0.74 13.85 -23.72
CA GLN B 64 0.37 13.77 -22.77
C GLN B 64 -0.20 13.78 -21.34
N LEU B 65 0.22 12.82 -20.52
CA LEU B 65 -0.24 12.69 -19.13
C LEU B 65 0.96 12.35 -18.25
N ASP B 66 1.36 13.28 -17.39
CA ASP B 66 2.37 12.95 -16.40
C ASP B 66 1.53 12.75 -15.15
N VAL B 67 1.35 11.50 -14.74
CA VAL B 67 0.61 11.13 -13.51
C VAL B 67 1.17 11.77 -12.20
N ARG B 68 2.45 12.12 -12.16
CA ARG B 68 3.02 12.85 -11.03
C ARG B 68 2.45 14.27 -10.82
N ASP B 69 1.69 14.76 -11.81
CA ASP B 69 1.32 16.16 -11.85
C ASP B 69 -0.12 16.23 -12.24
N SER B 70 -0.96 16.84 -11.40
CA SER B 70 -2.40 16.87 -11.64
C SER B 70 -3.00 18.03 -12.48
N LYS B 71 -2.15 18.98 -12.90
CA LYS B 71 -2.45 19.98 -13.95
C LYS B 71 -2.45 19.23 -15.27
N SER B 72 -1.36 18.52 -15.53
CA SER B 72 -1.27 17.57 -16.63
C SER B 72 -2.42 16.57 -16.67
N VAL B 73 -2.88 16.07 -15.51
CA VAL B 73 -4.05 15.16 -15.47
C VAL B 73 -5.28 15.93 -15.88
N ALA B 74 -5.32 17.19 -15.48
CA ALA B 74 -6.47 18.02 -15.63
C ALA B 74 -6.60 18.48 -17.11
N ALA B 75 -5.48 18.90 -17.73
CA ALA B 75 -5.47 19.32 -19.14
C ALA B 75 -6.02 18.19 -19.98
N ALA B 76 -5.44 17.00 -19.73
CA ALA B 76 -5.92 15.73 -20.29
C ALA B 76 -7.44 15.50 -20.19
N ARG B 77 -8.09 15.72 -19.05
CA ARG B 77 -9.58 15.63 -18.97
C ARG B 77 -10.29 16.71 -19.86
N GLU B 78 -9.73 17.92 -19.92
CA GLU B 78 -10.36 19.09 -20.58
C GLU B 78 -10.27 18.90 -22.09
N ARG B 79 -9.18 18.26 -22.50
CA ARG B 79 -8.91 17.84 -23.88
C ARG B 79 -9.46 16.42 -24.20
N VAL B 80 -10.51 15.98 -23.51
CA VAL B 80 -11.31 14.77 -23.87
C VAL B 80 -12.66 15.28 -24.22
N THR B 81 -12.81 15.58 -25.50
CA THR B 81 -13.85 16.50 -25.98
C THR B 81 -15.22 15.88 -26.19
N GLU B 82 -15.38 14.58 -25.91
CA GLU B 82 -16.73 13.99 -25.75
C GLU B 82 -17.34 14.37 -24.40
N GLY B 83 -16.49 14.79 -23.44
CA GLY B 83 -16.98 15.22 -22.10
C GLY B 83 -17.70 14.12 -21.34
N ARG B 84 -17.17 12.90 -21.47
CA ARG B 84 -17.33 11.84 -20.48
C ARG B 84 -16.10 10.91 -20.63
N VAL B 85 -15.86 10.04 -19.63
CA VAL B 85 -15.11 8.81 -19.87
C VAL B 85 -16.01 7.67 -19.41
N ASP B 86 -16.05 6.61 -20.22
CA ASP B 86 -16.78 5.38 -19.90
C ASP B 86 -15.84 4.35 -19.30
N VAL B 87 -14.57 4.37 -19.70
CA VAL B 87 -13.64 3.41 -19.23
C VAL B 87 -12.27 4.04 -18.95
N LEU B 88 -11.83 3.90 -17.70
CA LEU B 88 -10.54 4.47 -17.28
C LEU B 88 -9.56 3.37 -16.97
N VAL B 89 -8.36 3.43 -17.53
CA VAL B 89 -7.44 2.39 -17.30
C VAL B 89 -6.24 3.00 -16.63
N CYS B 90 -5.90 2.53 -15.42
CA CYS B 90 -4.85 3.14 -14.68
C CYS B 90 -3.79 2.12 -14.73
N ASN B 91 -2.82 2.37 -15.61
CA ASN B 91 -1.86 1.38 -15.91
C ASN B 91 -0.44 1.83 -15.67
N ALA B 92 -0.11 3.10 -15.84
CA ALA B 92 1.27 3.49 -15.60
C ALA B 92 1.79 2.97 -14.28
N GLY B 93 3.02 2.52 -14.27
CA GLY B 93 3.65 1.99 -13.09
C GLY B 93 5.14 1.82 -13.16
N LEU B 94 5.77 1.80 -11.99
CA LEU B 94 7.21 1.66 -11.91
C LEU B 94 7.59 0.52 -10.99
N GLY B 95 8.74 -0.08 -11.26
CA GLY B 95 9.21 -1.18 -10.47
C GLY B 95 10.40 -0.69 -9.69
N LEU B 96 10.72 -1.41 -8.63
CA LEU B 96 11.85 -1.05 -7.83
C LEU B 96 12.28 -2.34 -7.24
N LEU B 97 13.45 -2.76 -7.62
CA LEU B 97 14.01 -4.02 -7.31
C LEU B 97 15.30 -3.76 -6.62
N GLY B 98 15.44 -4.35 -5.45
CA GLY B 98 16.70 -4.30 -4.81
C GLY B 98 16.53 -4.46 -3.33
N PRO B 99 17.67 -4.61 -2.64
CA PRO B 99 17.75 -4.59 -1.20
C PRO B 99 17.37 -3.22 -0.68
N LEU B 100 16.56 -3.25 0.38
CA LEU B 100 15.85 -2.07 0.79
C LEU B 100 16.77 -0.95 1.15
N GLU B 101 17.80 -1.26 1.91
CA GLU B 101 18.76 -0.27 2.35
C GLU B 101 19.64 0.23 1.19
N ALA B 102 19.59 -0.45 0.05
CA ALA B 102 20.23 -0.01 -1.20
C ALA B 102 19.48 1.09 -1.95
N LEU B 103 18.18 1.20 -1.70
CA LEU B 103 17.29 1.92 -2.59
C LEU B 103 17.34 3.41 -2.27
N GLY B 104 17.42 4.22 -3.32
CA GLY B 104 17.39 5.65 -3.20
C GLY B 104 16.02 6.12 -2.72
N GLU B 105 16.09 7.03 -1.77
CA GLU B 105 14.93 7.69 -1.21
C GLU B 105 14.08 8.35 -2.24
N ASP B 106 14.69 9.04 -3.20
CA ASP B 106 13.94 9.60 -4.34
C ASP B 106 13.31 8.47 -5.11
N ALA B 107 14.05 7.41 -5.36
CA ALA B 107 13.49 6.22 -6.10
C ALA B 107 12.25 5.65 -5.37
N VAL B 108 12.38 5.52 -4.04
CA VAL B 108 11.28 5.04 -3.20
C VAL B 108 10.06 5.94 -3.33
N ALA B 109 10.25 7.26 -3.30
CA ALA B 109 9.10 8.19 -3.37
C ALA B 109 8.50 8.34 -4.73
N SER B 110 9.33 8.30 -5.76
CA SER B 110 8.82 8.29 -7.17
C SER B 110 7.96 7.07 -7.45
N VAL B 111 8.37 5.86 -6.99
CA VAL B 111 7.51 4.66 -7.14
C VAL B 111 6.15 4.85 -6.48
N LEU B 112 6.16 5.30 -5.22
CA LEU B 112 4.87 5.63 -4.53
C LEU B 112 4.09 6.70 -5.27
N ASP B 113 4.76 7.80 -5.58
CA ASP B 113 4.05 8.94 -6.26
C ASP B 113 3.40 8.48 -7.60
N VAL B 114 4.22 7.79 -8.41
CA VAL B 114 3.77 7.26 -9.69
C VAL B 114 2.76 6.14 -9.49
N ASN B 115 3.08 5.10 -8.72
CA ASN B 115 2.12 3.94 -8.64
C ASN B 115 0.86 4.22 -7.93
N VAL B 116 0.93 4.96 -6.82
CA VAL B 116 -0.23 5.07 -5.92
C VAL B 116 -0.86 6.42 -6.06
N VAL B 117 -0.04 7.48 -5.95
CA VAL B 117 -0.63 8.83 -5.95
C VAL B 117 -1.15 9.24 -7.32
N GLY B 118 -0.38 8.84 -8.33
CA GLY B 118 -0.79 9.01 -9.74
C GLY B 118 -2.16 8.44 -9.97
N THR B 119 -2.37 7.23 -9.49
CA THR B 119 -3.69 6.60 -9.62
C THR B 119 -4.72 7.36 -8.82
N VAL B 120 -4.38 7.80 -7.59
CA VAL B 120 -5.29 8.75 -6.87
C VAL B 120 -5.59 10.02 -7.68
N ARG B 121 -4.64 10.64 -8.34
CA ARG B 121 -4.98 11.80 -9.14
C ARG B 121 -6.07 11.50 -10.16
N MET B 122 -5.89 10.42 -10.89
CA MET B 122 -6.81 10.00 -11.93
C MET B 122 -8.17 9.78 -11.36
N LEU B 123 -8.24 9.04 -10.27
CA LEU B 123 -9.57 8.83 -9.76
C LEU B 123 -10.17 10.15 -9.21
N GLN B 124 -9.33 10.99 -8.60
CA GLN B 124 -9.84 12.31 -8.25
C GLN B 124 -10.41 12.97 -9.52
N ALA B 125 -9.59 13.13 -10.57
CA ALA B 125 -10.00 13.87 -11.77
C ALA B 125 -11.25 13.34 -12.46
N PHE B 126 -11.43 12.00 -12.50
CA PHE B 126 -12.45 11.36 -13.41
C PHE B 126 -13.60 10.72 -12.77
N LEU B 127 -13.35 10.25 -11.56
CA LEU B 127 -14.33 9.55 -10.82
C LEU B 127 -15.59 10.35 -10.49
N PRO B 128 -15.49 11.70 -10.30
CA PRO B 128 -16.78 12.40 -9.93
C PRO B 128 -17.80 12.32 -11.08
N ASP B 129 -17.36 12.72 -12.26
CA ASP B 129 -18.19 12.59 -13.48
C ASP B 129 -18.94 11.24 -13.55
N MET B 130 -18.26 10.13 -13.28
CA MET B 130 -18.91 8.82 -13.41
C MET B 130 -20.00 8.64 -12.38
N LYS B 131 -19.74 9.10 -11.15
CA LYS B 131 -20.71 9.07 -10.06
C LYS B 131 -21.86 10.02 -10.35
N ARG B 132 -21.55 11.20 -10.88
CA ARG B 132 -22.60 12.14 -11.30
C ARG B 132 -23.61 11.36 -12.16
N ARG B 133 -23.08 10.61 -13.16
CA ARG B 133 -23.85 9.84 -14.17
C ARG B 133 -24.52 8.57 -13.66
N GLY B 134 -23.80 7.77 -12.87
CA GLY B 134 -24.31 6.46 -12.38
C GLY B 134 -23.91 5.24 -13.20
N SER B 135 -22.79 5.38 -13.92
CA SER B 135 -22.11 4.31 -14.65
C SER B 135 -20.68 4.78 -15.00
N GLY B 136 -19.83 3.81 -15.24
CA GLY B 136 -18.42 4.04 -15.58
C GLY B 136 -17.67 2.79 -15.12
N ARG B 137 -16.52 2.49 -15.72
CA ARG B 137 -15.74 1.34 -15.35
C ARG B 137 -14.34 1.80 -15.16
N VAL B 138 -13.67 1.20 -14.20
CA VAL B 138 -12.31 1.61 -13.99
C VAL B 138 -11.40 0.45 -13.76
N LEU B 139 -10.31 0.43 -14.52
CA LEU B 139 -9.43 -0.70 -14.54
C LEU B 139 -8.02 -0.38 -14.25
N VAL B 140 -7.52 -1.12 -13.28
CA VAL B 140 -6.27 -0.80 -12.69
C VAL B 140 -5.38 -1.97 -12.90
N THR B 141 -4.22 -1.70 -13.48
CA THR B 141 -3.20 -2.67 -13.55
C THR B 141 -2.68 -2.99 -12.16
N GLY B 142 -3.19 -4.13 -11.68
CA GLY B 142 -2.68 -4.79 -10.48
C GLY B 142 -1.44 -5.65 -10.69
N SER B 143 -1.16 -6.46 -9.68
CA SER B 143 -0.01 -7.37 -9.65
C SER B 143 -0.21 -8.42 -8.56
N VAL B 144 0.28 -9.61 -8.83
CA VAL B 144 0.24 -10.65 -7.83
C VAL B 144 1.09 -10.18 -6.64
N GLY B 145 2.07 -9.31 -6.89
CA GLY B 145 2.88 -8.64 -5.84
C GLY B 145 2.20 -7.56 -4.97
N GLY B 146 1.02 -7.13 -5.39
CA GLY B 146 0.09 -6.44 -4.54
C GLY B 146 -0.73 -7.35 -3.66
N LEU B 147 -0.71 -8.66 -3.90
CA LEU B 147 -1.48 -9.65 -3.16
C LEU B 147 -0.62 -10.50 -2.19
N MET B 148 0.67 -10.56 -2.45
CA MET B 148 1.55 -11.30 -1.61
C MET B 148 2.91 -10.67 -1.75
N GLY B 149 3.71 -10.77 -0.69
CA GLY B 149 4.96 -10.00 -0.59
C GLY B 149 6.10 -10.73 -1.24
N LEU B 150 6.97 -9.98 -1.93
CA LEU B 150 8.05 -10.57 -2.73
C LEU B 150 9.37 -10.01 -2.25
N PRO B 151 10.30 -10.90 -1.81
CA PRO B 151 11.57 -10.38 -1.36
C PRO B 151 12.22 -9.57 -2.44
N PHE B 152 12.97 -8.56 -1.96
CA PHE B 152 13.58 -7.52 -2.78
C PHE B 152 12.69 -6.68 -3.66
N ASN B 153 11.39 -6.90 -3.63
CA ASN B 153 10.40 -5.95 -4.27
C ASN B 153 9.59 -5.21 -3.18
N ASP B 154 10.26 -4.90 -2.06
CA ASP B 154 9.57 -4.45 -0.82
C ASP B 154 8.66 -3.24 -1.09
N VAL B 155 9.13 -2.33 -1.92
CA VAL B 155 8.45 -1.08 -2.27
C VAL B 155 7.54 -1.21 -3.40
N TYR B 156 8.00 -1.87 -4.44
CA TYR B 156 7.08 -2.19 -5.52
C TYR B 156 5.85 -2.85 -4.93
N CYS B 157 6.06 -3.88 -4.12
CA CYS B 157 4.94 -4.56 -3.47
C CYS B 157 4.17 -3.64 -2.62
N ALA B 158 4.90 -2.83 -1.81
CA ALA B 158 4.22 -1.81 -0.98
C ALA B 158 3.32 -1.04 -1.85
N SER B 159 3.80 -0.72 -3.02
CA SER B 159 3.10 0.14 -3.89
C SER B 159 1.85 -0.50 -4.46
N LYS B 160 1.93 -1.80 -4.77
CA LYS B 160 0.75 -2.53 -5.31
C LYS B 160 -0.24 -3.00 -4.27
N PHE B 161 0.23 -3.34 -3.08
CA PHE B 161 -0.70 -3.54 -1.94
C PHE B 161 -1.58 -2.28 -1.78
N ALA B 162 -0.93 -1.14 -1.89
CA ALA B 162 -1.60 0.14 -1.80
C ALA B 162 -2.75 0.23 -2.72
N LEU B 163 -2.54 -0.12 -4.00
CA LEU B 163 -3.58 0.03 -5.01
C LEU B 163 -4.75 -0.80 -4.63
N GLU B 164 -4.49 -1.98 -4.13
CA GLU B 164 -5.55 -2.84 -3.63
C GLU B 164 -6.37 -2.14 -2.55
N GLY B 165 -5.65 -1.55 -1.62
CA GLY B 165 -6.26 -0.90 -0.50
C GLY B 165 -7.15 0.17 -1.00
N LEU B 166 -6.57 1.03 -1.88
CA LEU B 166 -7.30 2.14 -2.43
C LEU B 166 -8.55 1.72 -3.18
N CYS B 167 -8.42 0.66 -3.98
CA CYS B 167 -9.48 0.26 -4.89
C CYS B 167 -10.57 -0.48 -4.15
N GLU B 168 -10.14 -1.27 -3.19
CA GLU B 168 -11.14 -1.98 -2.41
C GLU B 168 -12.02 -1.02 -1.56
N SER B 169 -11.44 0.10 -1.09
CA SER B 169 -12.13 1.01 -0.16
C SER B 169 -13.18 1.72 -1.06
N LEU B 170 -12.73 2.29 -2.18
CA LEU B 170 -13.63 2.93 -3.15
C LEU B 170 -14.74 2.04 -3.57
N ALA B 171 -14.40 0.82 -3.97
CA ALA B 171 -15.39 -0.16 -4.42
C ALA B 171 -16.55 -0.26 -3.49
N VAL B 172 -16.24 -0.33 -2.20
CA VAL B 172 -17.29 -0.38 -1.16
C VAL B 172 -18.24 0.81 -1.24
N LEU B 173 -17.71 2.01 -1.42
CA LEU B 173 -18.54 3.21 -1.58
C LEU B 173 -19.37 3.26 -2.89
N LEU B 174 -18.81 2.75 -4.00
CA LEU B 174 -19.36 2.92 -5.36
C LEU B 174 -20.23 1.74 -5.75
N LEU B 175 -20.48 0.83 -4.83
CA LEU B 175 -21.46 -0.20 -5.06
C LEU B 175 -22.81 0.43 -5.53
N PRO B 176 -23.53 1.16 -4.66
CA PRO B 176 -24.88 1.57 -5.08
C PRO B 176 -24.90 2.68 -6.13
N PHE B 177 -23.74 3.25 -6.46
CA PHE B 177 -23.62 4.35 -7.41
C PHE B 177 -23.67 3.82 -8.86
N GLY B 178 -23.55 2.51 -9.06
CA GLY B 178 -23.45 1.95 -10.40
C GLY B 178 -22.12 2.15 -11.14
N VAL B 179 -21.05 2.53 -10.43
CA VAL B 179 -19.71 2.64 -11.03
C VAL B 179 -18.95 1.41 -10.58
N HIS B 180 -18.08 0.91 -11.47
CA HIS B 180 -17.46 -0.40 -11.34
C HIS B 180 -15.99 -0.30 -11.38
N LEU B 181 -15.39 -1.14 -10.56
CA LEU B 181 -14.02 -1.01 -10.27
C LEU B 181 -13.43 -2.37 -10.19
N SER B 182 -12.41 -2.61 -11.01
CA SER B 182 -11.77 -3.91 -11.08
C SER B 182 -10.25 -3.79 -11.19
N LEU B 183 -9.56 -4.65 -10.47
CA LEU B 183 -8.14 -4.82 -10.56
C LEU B 183 -7.87 -6.01 -11.44
N ILE B 184 -6.84 -5.88 -12.29
CA ILE B 184 -6.37 -6.93 -13.15
C ILE B 184 -5.03 -7.29 -12.63
N GLU B 185 -4.97 -8.48 -12.09
CA GLU B 185 -3.82 -8.94 -11.36
C GLU B 185 -2.94 -9.85 -12.24
N CYS B 186 -1.80 -9.32 -12.63
CA CYS B 186 -0.82 -9.92 -13.49
C CYS B 186 0.22 -10.63 -12.67
N GLY B 187 0.61 -11.84 -13.10
CA GLY B 187 1.93 -12.33 -12.76
C GLY B 187 2.88 -11.46 -13.57
N PRO B 188 4.11 -11.94 -13.77
CA PRO B 188 5.00 -11.29 -14.71
C PRO B 188 4.49 -11.18 -16.12
N VAL B 189 5.15 -10.26 -16.83
CA VAL B 189 4.90 -9.88 -18.22
C VAL B 189 6.24 -9.48 -18.91
N HIS B 190 6.35 -9.57 -20.26
CA HIS B 190 7.57 -9.09 -21.02
C HIS B 190 7.43 -7.64 -21.58
N THR B 191 8.46 -6.80 -21.35
CA THR B 191 8.53 -5.36 -21.76
C THR B 191 7.20 -4.70 -22.15
CA SER B 200 26.12 -2.84 -10.27
C SER B 200 26.67 -3.66 -9.13
N PRO B 201 27.16 -4.88 -9.42
CA PRO B 201 27.36 -5.75 -8.25
C PRO B 201 28.31 -5.29 -7.15
N GLU B 202 29.24 -4.35 -7.42
CA GLU B 202 30.02 -3.73 -6.33
C GLU B 202 29.10 -2.82 -5.54
N GLU B 203 28.48 -1.86 -6.23
CA GLU B 203 27.51 -0.93 -5.60
C GLU B 203 26.60 -1.66 -4.62
N VAL B 204 25.98 -2.77 -5.07
CA VAL B 204 25.07 -3.58 -4.23
C VAL B 204 25.72 -4.04 -2.94
N LEU B 205 26.85 -4.74 -3.08
CA LEU B 205 27.66 -5.18 -1.94
C LEU B 205 28.10 -4.10 -0.96
N ASP B 206 28.49 -2.97 -1.53
CA ASP B 206 29.00 -1.86 -0.77
C ASP B 206 27.87 -1.27 0.03
N ARG B 207 26.63 -1.29 -0.49
CA ARG B 207 25.44 -0.73 0.22
C ARG B 207 24.59 -1.78 0.94
N THR B 208 25.06 -2.99 1.06
CA THR B 208 24.43 -3.92 1.95
C THR B 208 25.48 -4.75 2.68
N ASP B 209 25.25 -6.04 2.81
CA ASP B 209 26.14 -6.92 3.53
C ASP B 209 26.25 -8.14 2.68
N ILE B 210 27.21 -8.99 3.06
CA ILE B 210 27.59 -10.23 2.34
C ILE B 210 26.43 -11.19 2.11
N HIS B 211 25.60 -11.30 3.14
CA HIS B 211 24.54 -12.28 3.19
C HIS B 211 23.36 -11.88 2.25
N THR B 212 23.11 -10.57 2.16
CA THR B 212 21.98 -9.97 1.43
C THR B 212 22.33 -9.96 -0.05
N PHE B 213 23.59 -9.63 -0.29
CA PHE B 213 24.17 -9.65 -1.64
C PHE B 213 23.97 -11.03 -2.27
N HIS B 214 24.36 -12.08 -1.56
CA HIS B 214 24.14 -13.47 -2.00
C HIS B 214 22.64 -13.70 -2.28
N ARG B 215 21.79 -13.34 -1.29
CA ARG B 215 20.34 -13.57 -1.44
C ARG B 215 19.78 -12.78 -2.63
N PHE B 216 20.34 -11.61 -2.91
CA PHE B 216 19.85 -10.81 -4.01
C PHE B 216 20.10 -11.54 -5.36
N TYR B 217 21.35 -11.96 -5.56
CA TYR B 217 21.71 -12.74 -6.79
C TYR B 217 21.01 -14.09 -6.95
N GLN B 218 20.82 -14.86 -5.87
CA GLN B 218 19.98 -16.03 -5.98
C GLN B 218 18.56 -15.66 -6.33
N TYR B 219 18.04 -14.59 -5.69
CA TYR B 219 16.65 -14.20 -5.95
C TYR B 219 16.63 -14.01 -7.47
N LEU B 220 17.63 -13.28 -8.00
CA LEU B 220 17.72 -12.89 -9.44
C LEU B 220 17.73 -14.08 -10.39
N ALA B 221 18.59 -15.04 -10.09
CA ALA B 221 18.56 -16.31 -10.82
C ALA B 221 17.13 -16.85 -10.76
N HIS B 222 16.60 -17.04 -9.54
CA HIS B 222 15.29 -17.68 -9.41
C HIS B 222 14.23 -16.89 -10.09
N SER B 223 14.36 -15.58 -10.05
CA SER B 223 13.49 -14.69 -10.73
C SER B 223 13.58 -14.92 -12.24
N LYS B 224 14.77 -14.78 -12.83
CA LYS B 224 15.00 -14.97 -14.30
C LYS B 224 14.38 -16.30 -14.75
N GLN B 225 14.59 -17.32 -13.92
CA GLN B 225 13.96 -18.64 -14.08
C GLN B 225 12.44 -18.53 -14.23
N VAL B 226 11.73 -18.09 -13.19
CA VAL B 226 10.25 -18.03 -13.27
C VAL B 226 9.77 -17.17 -14.42
N PHE B 227 10.48 -16.08 -14.72
CA PHE B 227 10.17 -15.27 -15.92
C PHE B 227 10.10 -16.14 -17.16
N ARG B 228 11.17 -16.91 -17.40
CA ARG B 228 11.23 -17.82 -18.56
C ARG B 228 10.14 -18.96 -18.54
N GLU B 229 9.81 -19.60 -17.40
CA GLU B 229 8.68 -20.62 -17.36
C GLU B 229 7.25 -20.06 -17.48
N ALA B 230 7.07 -18.76 -17.23
CA ALA B 230 5.72 -18.28 -16.88
C ALA B 230 5.36 -16.82 -17.13
N ALA B 231 6.31 -15.99 -17.58
CA ALA B 231 5.99 -14.61 -17.99
C ALA B 231 4.96 -14.57 -19.12
N GLN B 232 3.85 -13.85 -18.96
CA GLN B 232 2.85 -13.67 -20.01
C GLN B 232 3.24 -12.53 -20.97
N ASN B 233 2.44 -12.35 -22.03
CA ASN B 233 2.67 -11.30 -23.03
C ASN B 233 1.51 -10.30 -23.00
N PRO B 234 1.84 -9.02 -23.20
CA PRO B 234 0.90 -7.91 -23.14
C PRO B 234 -0.48 -8.15 -23.69
N GLU B 235 -0.58 -8.81 -24.85
CA GLU B 235 -1.90 -8.97 -25.54
C GLU B 235 -2.79 -9.95 -24.75
N GLU B 236 -2.20 -10.95 -24.10
CA GLU B 236 -3.00 -11.87 -23.23
C GLU B 236 -3.63 -11.05 -22.12
N VAL B 237 -2.73 -10.37 -21.42
CA VAL B 237 -3.05 -9.54 -20.28
C VAL B 237 -4.14 -8.63 -20.78
N ALA B 238 -3.86 -7.94 -21.90
CA ALA B 238 -4.86 -7.08 -22.53
C ALA B 238 -6.23 -7.74 -22.75
N GLU B 239 -6.28 -9.03 -23.01
CA GLU B 239 -7.57 -9.70 -23.11
C GLU B 239 -8.40 -9.68 -21.84
N VAL B 240 -7.71 -9.70 -20.69
CA VAL B 240 -8.43 -9.86 -19.41
C VAL B 240 -9.16 -8.56 -19.07
N PHE B 241 -8.57 -7.45 -19.49
CA PHE B 241 -9.20 -6.16 -19.44
C PHE B 241 -10.56 -6.13 -20.16
N LEU B 242 -10.62 -6.61 -21.43
CA LEU B 242 -11.91 -6.75 -22.19
C LEU B 242 -12.88 -7.65 -21.45
N THR B 243 -12.40 -8.85 -21.14
CA THR B 243 -13.21 -9.81 -20.44
C THR B 243 -13.94 -9.08 -19.29
N ALA B 244 -13.23 -8.18 -18.60
CA ALA B 244 -13.80 -7.32 -17.52
C ALA B 244 -14.54 -6.03 -17.98
N LEU B 245 -14.16 -5.45 -19.12
CA LEU B 245 -14.99 -4.40 -19.76
C LEU B 245 -16.35 -4.94 -20.10
N ARG B 246 -16.35 -6.08 -20.75
CA ARG B 246 -17.60 -6.58 -21.29
C ARG B 246 -18.45 -7.21 -20.21
N ALA B 247 -17.83 -7.56 -19.09
CA ALA B 247 -18.54 -8.32 -18.07
C ALA B 247 -19.84 -7.61 -17.69
N PRO B 248 -20.94 -8.38 -17.59
CA PRO B 248 -22.18 -7.75 -17.14
C PRO B 248 -21.97 -7.12 -15.75
N LYS B 249 -21.77 -7.94 -14.71
CA LYS B 249 -21.55 -7.38 -13.38
C LYS B 249 -20.18 -7.80 -12.92
N PRO B 250 -19.19 -6.94 -13.19
CA PRO B 250 -17.83 -7.34 -12.94
C PRO B 250 -17.41 -7.31 -11.47
N THR B 251 -16.35 -8.06 -11.24
CA THR B 251 -15.84 -8.39 -9.96
C THR B 251 -14.73 -7.39 -9.66
N LEU B 252 -14.45 -7.22 -8.36
CA LEU B 252 -13.31 -6.38 -7.95
C LEU B 252 -11.96 -6.87 -8.51
N ARG B 253 -11.74 -8.19 -8.65
CA ARG B 253 -10.49 -8.68 -9.28
C ARG B 253 -10.69 -9.59 -10.48
N TYR B 254 -9.60 -9.74 -11.22
CA TYR B 254 -9.48 -10.62 -12.38
C TYR B 254 -8.04 -11.04 -12.44
N PHE B 255 -7.81 -12.34 -12.49
CA PHE B 255 -6.47 -12.85 -12.53
C PHE B 255 -6.11 -13.21 -13.93
N THR B 256 -4.88 -12.95 -14.32
CA THR B 256 -4.53 -13.19 -15.69
C THR B 256 -4.16 -14.67 -15.91
N THR B 257 -3.30 -15.22 -15.03
CA THR B 257 -2.96 -16.66 -14.97
C THR B 257 -3.56 -17.23 -13.69
N GLU B 258 -3.59 -18.56 -13.57
CA GLU B 258 -4.00 -19.25 -12.35
C GLU B 258 -2.84 -19.76 -11.57
N ARG B 259 -1.64 -19.46 -12.05
CA ARG B 259 -0.39 -20.03 -11.57
C ARG B 259 -0.03 -19.70 -10.15
N PHE B 260 -0.55 -18.60 -9.61
CA PHE B 260 -0.18 -18.25 -8.23
C PHE B 260 -1.33 -18.35 -7.28
N LEU B 261 -2.46 -18.88 -7.73
CA LEU B 261 -3.53 -19.24 -6.83
C LEU B 261 -3.03 -20.17 -5.69
N PRO B 262 -2.08 -21.07 -5.96
CA PRO B 262 -1.67 -21.92 -4.83
C PRO B 262 -0.93 -21.19 -3.70
N LEU B 263 0.12 -20.43 -4.05
CA LEU B 263 0.85 -19.60 -3.09
C LEU B 263 -0.12 -18.65 -2.39
N LEU B 264 -1.01 -18.02 -3.16
CA LEU B 264 -2.06 -17.15 -2.60
C LEU B 264 -2.91 -17.87 -1.57
N ARG B 265 -3.48 -19.02 -1.93
CA ARG B 265 -4.30 -19.77 -0.97
C ARG B 265 -3.51 -20.11 0.35
N MET B 266 -2.21 -20.40 0.28
CA MET B 266 -1.32 -20.58 1.48
C MET B 266 -1.27 -19.33 2.40
N ARG B 267 -1.31 -18.16 1.80
CA ARG B 267 -1.40 -16.89 2.52
C ARG B 267 -2.80 -16.67 3.10
N LEU B 268 -3.82 -16.87 2.29
CA LEU B 268 -5.21 -16.77 2.77
C LEU B 268 -5.57 -17.85 3.83
N ASP B 269 -4.88 -19.02 3.79
CA ASP B 269 -5.04 -20.11 4.80
C ASP B 269 -4.65 -19.57 6.19
N ASP B 270 -3.44 -19.05 6.35
CA ASP B 270 -2.87 -18.63 7.66
C ASP B 270 -2.63 -17.10 7.92
N PRO B 271 -3.55 -16.40 8.59
CA PRO B 271 -3.37 -14.92 8.69
C PRO B 271 -2.20 -14.43 9.50
N SER B 272 -1.73 -15.26 10.43
CA SER B 272 -0.48 -15.04 11.13
C SER B 272 0.67 -14.77 10.17
N GLY B 273 0.51 -15.30 8.94
CA GLY B 273 1.45 -15.04 7.86
C GLY B 273 2.57 -16.04 7.86
N SER B 274 2.65 -16.81 8.93
CA SER B 274 3.71 -17.79 9.13
C SER B 274 3.88 -18.79 7.97
N ASN B 275 2.79 -19.43 7.54
CA ASN B 275 2.88 -20.42 6.44
C ASN B 275 3.39 -19.78 5.17
N TYR B 276 2.82 -18.62 4.84
CA TYR B 276 3.25 -17.91 3.65
C TYR B 276 4.76 -17.53 3.69
N VAL B 277 5.25 -16.94 4.76
CA VAL B 277 6.62 -16.53 4.78
C VAL B 277 7.54 -17.72 4.50
N THR B 278 7.29 -18.85 5.16
CA THR B 278 8.15 -20.04 5.04
C THR B 278 8.14 -20.58 3.63
N ALA B 279 6.91 -20.69 3.11
CA ALA B 279 6.64 -21.21 1.77
C ALA B 279 7.44 -20.43 0.73
N MET B 280 7.20 -19.12 0.73
CA MET B 280 7.68 -18.22 -0.32
C MET B 280 9.18 -18.13 -0.26
N HIS B 281 9.75 -18.14 0.94
CA HIS B 281 11.18 -18.31 1.13
C HIS B 281 11.72 -19.64 0.60
N ARG B 282 11.01 -20.74 0.82
CA ARG B 282 11.36 -22.05 0.18
C ARG B 282 11.31 -21.92 -1.35
N GLU B 283 10.17 -21.47 -1.86
CA GLU B 283 9.99 -21.21 -3.29
C GLU B 283 11.16 -20.45 -3.92
N VAL B 284 11.67 -19.44 -3.24
CA VAL B 284 12.61 -18.52 -3.85
C VAL B 284 14.07 -18.94 -3.66
N PHE B 285 14.43 -19.56 -2.53
CA PHE B 285 15.83 -19.86 -2.22
C PHE B 285 16.13 -21.38 -2.09
C1 PEG C . -3.54 -8.39 0.46
O1 PEG C . -3.53 -7.34 -0.58
C2 PEG C . -4.42 -8.17 1.71
O2 PEG C . -4.16 -6.93 2.51
C3 PEG C . -2.92 -6.91 3.18
C4 PEG C . -3.08 -7.67 4.49
O4 PEG C . -2.01 -8.60 4.78
C2 J3Z D . 7.70 -12.93 -9.73
C4 J3Z D . 9.63 -14.44 -8.85
C5 J3Z D . 8.66 -15.01 -7.82
C6 J3Z D . 8.82 -14.26 -6.49
O1 J3Z D . 9.80 -17.07 -7.38
O3 J3Z D . 5.53 -7.88 -11.32
C7 J3Z D . 8.74 -16.49 -7.52
C8 J3Z D . 7.39 -17.15 -7.37
C9 J3Z D . 6.44 -15.97 -7.52
C10 J3Z D . 7.24 -14.99 -8.39
C12 J3Z D . 6.76 -13.56 -8.66
C3 J3Z D . 9.20 -13.05 -9.38
C14 J3Z D . 5.24 -13.46 -8.95
C15 J3Z D . 4.96 -12.64 -10.20
C16 J3Z D . 5.80 -11.38 -10.35
C21 J3Z D . 7.26 -11.53 -10.10
C17 J3Z D . 5.26 -10.17 -10.77
C18 J3Z D . 6.10 -9.06 -10.94
C19 J3Z D . 7.49 -9.16 -10.70
C20 J3Z D . 8.07 -10.39 -10.30
#